data_6B0W
#
_entry.id   6B0W
#
_cell.length_a   61.063
_cell.length_b   66.724
_cell.length_c   124.027
_cell.angle_alpha   90.00
_cell.angle_beta   90.00
_cell.angle_gamma   90.00
#
_symmetry.space_group_name_H-M   'P 21 21 21'
#
loop_
_entity.id
_entity.type
_entity.pdbx_description
1 polymer '1710 antibody, light chain'
2 polymer '1710 antibody, heavy chain'
3 non-polymer 'ISOPROPYL ALCOHOL'
4 non-polymer GLYCEROL
5 water water
#
loop_
_entity_poly.entity_id
_entity_poly.type
_entity_poly.pdbx_seq_one_letter_code
_entity_poly.pdbx_strand_id
1 'polypeptide(L)'
;SAYELTQPPSVSVSPGQTASITCSGDKLGDKYACWYQQKPGQSPVVVIYQDTKRPSGIPERFSGSNSGNTATLTISGTQA
MDEADYYCQAWDSSTVVFGGGTKLTVLGQPKAAPSVTLFPPSSEELQANKATLVCLISDFYPGAVTVAWKADSSPVKAGV
ETTTPSKQSNNKYAASSYLSLTPEQWKSHRSYSCQVTHEGSTVEKTVAPTECS
;
L
2 'polypeptide(L)'
;EVQLQESGGGLVKPGGSLRLSCAASGFTFSSYSMNWVRQAPGKGLEWVSSITSSSSYIYYADSVKGRFTISRDNAKNSLY
LQMNSLRAEDTAVYYCARDPGIAAADNHWFDPWGQGTLVTVSSASTKGPSVFPLAPSSSSKSGGTAALGCLVKDYFPEPV
TVSWNSGALTSGVHTFPAVLQSSGLYSLSSVVTVPSSSLGTQTYICNVNHKPSNTKVDKRVEPKSC
;
H
#
loop_
_chem_comp.id
_chem_comp.type
_chem_comp.name
_chem_comp.formula
GOL non-polymer GLYCEROL 'C3 H8 O3'
IPA non-polymer 'ISOPROPYL ALCOHOL' 'C3 H8 O'
#
# COMPACT_ATOMS: atom_id res chain seq x y z
N TYR A 3 17.74 -12.26 3.08
CA TYR A 3 16.86 -13.36 2.74
C TYR A 3 15.49 -12.83 2.37
N GLU A 4 14.95 -13.29 1.26
CA GLU A 4 13.63 -12.88 0.79
C GLU A 4 12.78 -14.10 0.51
N LEU A 5 11.47 -13.91 0.58
CA LEU A 5 10.48 -14.88 0.13
C LEU A 5 9.64 -14.19 -0.94
N THR A 6 9.45 -14.86 -2.08
CA THR A 6 8.75 -14.25 -3.21
CA THR A 6 8.76 -14.26 -3.22
C THR A 6 7.40 -14.94 -3.38
N GLN A 7 6.34 -14.14 -3.37
CA GLN A 7 4.95 -14.49 -3.58
C GLN A 7 4.43 -13.74 -4.80
N PRO A 8 3.50 -14.33 -5.56
CA PRO A 8 2.82 -13.55 -6.60
C PRO A 8 2.02 -12.44 -5.96
N PRO A 9 1.99 -11.25 -6.55
CA PRO A 9 1.20 -10.17 -5.93
C PRO A 9 -0.30 -10.48 -5.88
N SER A 10 -0.82 -11.27 -6.81
CA SER A 10 -2.26 -11.51 -6.81
C SER A 10 -2.56 -12.87 -7.42
N VAL A 11 -3.54 -13.55 -6.84
CA VAL A 11 -4.10 -14.77 -7.39
C VAL A 11 -5.61 -14.56 -7.46
N SER A 12 -6.24 -15.03 -8.54
CA SER A 12 -7.68 -14.93 -8.67
C SER A 12 -8.25 -16.30 -9.02
N VAL A 13 -9.44 -16.57 -8.49
CA VAL A 13 -10.06 -17.88 -8.58
C VAL A 13 -11.56 -17.67 -8.69
N SER A 14 -12.23 -18.53 -9.46
CA SER A 14 -13.68 -18.54 -9.46
C SER A 14 -14.17 -19.20 -8.17
N PRO A 15 -15.37 -18.82 -7.69
CA PRO A 15 -15.90 -19.47 -6.49
C PRO A 15 -16.00 -20.97 -6.68
N GLY A 16 -15.55 -21.71 -5.68
CA GLY A 16 -15.56 -23.16 -5.74
C GLY A 16 -14.33 -23.80 -6.35
N GLN A 17 -13.44 -23.02 -6.95
CA GLN A 17 -12.23 -23.58 -7.51
C GLN A 17 -11.11 -23.57 -6.47
N THR A 18 -10.05 -24.29 -6.77
CA THR A 18 -8.92 -24.42 -5.86
C THR A 18 -7.95 -23.27 -6.10
N ALA A 19 -7.65 -22.51 -5.05
CA ALA A 19 -6.64 -21.47 -5.15
C ALA A 19 -5.32 -21.99 -4.60
N SER A 20 -4.22 -21.66 -5.28
CA SER A 20 -2.89 -22.05 -4.85
C SER A 20 -2.01 -20.80 -4.79
N ILE A 21 -1.42 -20.56 -3.62
CA ILE A 21 -0.55 -19.39 -3.42
C ILE A 21 0.83 -19.93 -3.10
N THR A 22 1.83 -19.54 -3.90
CA THR A 22 3.18 -20.05 -3.74
C THR A 22 4.08 -19.01 -3.08
N CYS A 23 5.18 -19.52 -2.53
CA CYS A 23 6.13 -18.71 -1.76
C CYS A 23 7.47 -19.40 -1.90
N SER A 24 8.40 -18.79 -2.63
CA SER A 24 9.69 -19.40 -2.91
C SER A 24 10.80 -18.71 -2.11
N GLY A 25 11.74 -19.51 -1.61
CA GLY A 25 12.85 -18.97 -0.87
C GLY A 25 14.02 -19.94 -0.92
N ASP A 26 15.22 -19.38 -0.82
CA ASP A 26 16.40 -20.22 -0.94
C ASP A 26 16.44 -21.21 0.21
N LYS A 27 16.59 -22.50 -0.13
CA LYS A 27 16.61 -23.58 0.85
C LYS A 27 15.39 -23.54 1.77
N LEU A 28 14.27 -23.06 1.24
CA LEU A 28 13.05 -23.01 2.05
C LEU A 28 12.63 -24.39 2.53
N GLY A 29 13.07 -25.47 1.88
CA GLY A 29 12.81 -26.81 2.39
C GLY A 29 13.46 -27.08 3.73
N ASP A 30 14.52 -26.35 4.07
CA ASP A 30 15.17 -26.47 5.37
C ASP A 30 14.45 -25.70 6.47
N LYS A 31 13.45 -24.89 6.14
CA LYS A 31 12.81 -23.98 7.08
C LYS A 31 11.34 -24.33 7.25
N TYR A 32 10.79 -24.03 8.41
CA TYR A 32 9.36 -24.19 8.62
C TYR A 32 8.66 -22.96 8.05
N ALA A 33 7.64 -23.19 7.23
CA ALA A 33 6.90 -22.09 6.61
C ALA A 33 5.58 -21.87 7.34
N CYS A 34 5.17 -20.60 7.45
CA CYS A 34 3.90 -20.23 8.06
C CYS A 34 3.12 -19.35 7.11
N TRP A 35 1.80 -19.36 7.24
CA TRP A 35 0.91 -18.57 6.39
C TRP A 35 -0.06 -17.77 7.25
N TYR A 36 -0.28 -16.51 6.86
CA TYR A 36 -1.16 -15.62 7.58
C TYR A 36 -2.19 -15.05 6.61
N GLN A 37 -3.42 -14.93 7.09
CA GLN A 37 -4.50 -14.32 6.33
C GLN A 37 -4.81 -12.97 6.96
N GLN A 38 -4.97 -11.93 6.15
CA GLN A 38 -5.34 -10.62 6.65
C GLN A 38 -6.46 -10.04 5.80
N LYS A 39 -7.57 -9.79 6.41
CA LYS A 39 -8.68 -9.13 5.75
C LYS A 39 -8.63 -7.63 6.00
N PRO A 40 -9.27 -6.83 5.14
CA PRO A 40 -9.16 -5.38 5.25
C PRO A 40 -9.51 -4.87 6.64
N GLY A 41 -8.66 -4.00 7.17
CA GLY A 41 -8.88 -3.38 8.45
C GLY A 41 -8.74 -4.27 9.67
N GLN A 42 -8.21 -5.48 9.51
CA GLN A 42 -8.07 -6.43 10.61
C GLN A 42 -6.62 -6.88 10.74
N SER A 43 -6.31 -7.48 11.91
CA SER A 43 -4.99 -8.03 12.17
C SER A 43 -4.79 -9.35 11.42
N PRO A 44 -3.54 -9.73 11.15
CA PRO A 44 -3.28 -11.05 10.56
C PRO A 44 -3.69 -12.16 11.52
N VAL A 45 -3.96 -13.32 10.93
CA VAL A 45 -4.32 -14.55 11.65
CA VAL A 45 -4.25 -14.54 11.68
C VAL A 45 -3.53 -15.69 11.03
N VAL A 46 -2.90 -16.52 11.86
CA VAL A 46 -2.18 -17.67 11.31
C VAL A 46 -3.18 -18.69 10.78
N VAL A 47 -2.95 -19.16 9.56
CA VAL A 47 -3.80 -20.21 8.99
C VAL A 47 -3.05 -21.51 8.76
N ILE A 48 -1.72 -21.46 8.60
CA ILE A 48 -0.86 -22.64 8.52
C ILE A 48 0.42 -22.30 9.25
N TYR A 49 0.94 -23.25 10.04
CA TYR A 49 2.27 -23.12 10.63
C TYR A 49 2.99 -24.46 10.53
N GLN A 50 4.31 -24.42 10.72
CA GLN A 50 5.14 -25.63 10.64
C GLN A 50 4.84 -26.38 9.33
N ASP A 51 4.87 -25.63 8.22
CA ASP A 51 4.67 -26.12 6.86
C ASP A 51 3.24 -26.54 6.57
N THR A 52 2.67 -27.40 7.42
CA THR A 52 1.43 -28.10 7.09
C THR A 52 0.39 -28.10 8.19
N LYS A 53 0.70 -27.59 9.38
CA LYS A 53 -0.21 -27.74 10.51
C LYS A 53 -1.28 -26.66 10.45
N ARG A 54 -2.53 -27.05 10.66
CA ARG A 54 -3.63 -26.12 10.60
C ARG A 54 -4.12 -25.82 12.00
N PRO A 55 -4.14 -24.56 12.43
CA PRO A 55 -4.69 -24.24 13.75
C PRO A 55 -6.13 -24.68 13.86
N SER A 56 -6.53 -25.00 15.09
CA SER A 56 -7.93 -25.30 15.35
C SER A 56 -8.78 -24.08 15.02
N GLY A 57 -9.95 -24.32 14.43
CA GLY A 57 -10.83 -23.25 14.02
C GLY A 57 -10.60 -22.76 12.61
N ILE A 58 -9.50 -23.14 11.97
CA ILE A 58 -9.25 -22.81 10.58
C ILE A 58 -9.93 -23.88 9.73
N PRO A 59 -10.73 -23.53 8.71
CA PRO A 59 -11.49 -24.55 7.98
C PRO A 59 -10.57 -25.53 7.29
N GLU A 60 -11.07 -26.75 7.12
CA GLU A 60 -10.27 -27.85 6.59
C GLU A 60 -9.91 -27.66 5.11
N ARG A 61 -10.57 -26.74 4.40
CA ARG A 61 -10.19 -26.52 3.02
C ARG A 61 -8.85 -25.79 2.88
N PHE A 62 -8.30 -25.28 3.98
CA PHE A 62 -6.95 -24.70 3.99
C PHE A 62 -5.93 -25.81 4.25
N SER A 63 -4.87 -25.83 3.45
CA SER A 63 -3.79 -26.79 3.69
C SER A 63 -2.48 -26.18 3.22
N GLY A 64 -1.37 -26.69 3.76
CA GLY A 64 -0.07 -26.17 3.43
C GLY A 64 0.87 -27.30 3.04
N SER A 65 1.88 -26.94 2.26
CA SER A 65 2.93 -27.89 1.91
C SER A 65 4.23 -27.11 1.72
N ASN A 66 5.35 -27.85 1.78
CA ASN A 66 6.68 -27.26 1.59
C ASN A 66 7.50 -28.33 0.85
N SER A 67 7.63 -28.18 -0.46
CA SER A 67 8.45 -29.12 -1.23
C SER A 67 9.09 -28.39 -2.38
N GLY A 68 10.24 -28.92 -2.82
CA GLY A 68 10.97 -28.30 -3.91
C GLY A 68 11.42 -26.88 -3.64
N ASN A 69 11.48 -26.47 -2.36
CA ASN A 69 11.90 -25.14 -1.91
C ASN A 69 10.85 -24.07 -2.20
N THR A 70 9.60 -24.49 -2.35
CA THR A 70 8.47 -23.58 -2.43
C THR A 70 7.41 -24.04 -1.43
N ALA A 71 6.91 -23.12 -0.63
CA ALA A 71 5.79 -23.38 0.24
C ALA A 71 4.51 -22.96 -0.50
N THR A 72 3.47 -23.78 -0.39
CA THR A 72 2.22 -23.52 -1.09
C THR A 72 1.06 -23.56 -0.11
N LEU A 73 0.26 -22.49 -0.10
CA LEU A 73 -1.02 -22.48 0.58
C LEU A 73 -2.10 -22.85 -0.42
N THR A 74 -2.88 -23.88 -0.13
CA THR A 74 -3.92 -24.37 -1.02
C THR A 74 -5.27 -24.20 -0.34
N ILE A 75 -6.23 -23.61 -1.07
CA ILE A 75 -7.59 -23.46 -0.59
C ILE A 75 -8.50 -24.15 -1.59
N SER A 76 -9.07 -25.28 -1.19
CA SER A 76 -10.01 -25.99 -2.03
C SER A 76 -11.41 -25.44 -1.83
N GLY A 77 -12.24 -25.53 -2.88
CA GLY A 77 -13.57 -24.97 -2.84
C GLY A 77 -13.60 -23.55 -2.30
N THR A 78 -12.80 -22.67 -2.90
CA THR A 78 -12.61 -21.33 -2.38
C THR A 78 -13.92 -20.58 -2.31
N GLN A 79 -14.11 -19.84 -1.23
CA GLN A 79 -15.35 -19.13 -0.97
C GLN A 79 -15.10 -17.64 -0.90
N ALA A 80 -16.17 -16.86 -1.06
CA ALA A 80 -16.06 -15.41 -1.03
C ALA A 80 -15.39 -14.93 0.25
N MET A 81 -15.68 -15.56 1.38
CA MET A 81 -15.07 -15.13 2.63
C MET A 81 -13.57 -15.41 2.70
N ASP A 82 -13.01 -16.15 1.73
CA ASP A 82 -11.56 -16.38 1.69
C ASP A 82 -10.81 -15.26 0.99
N GLU A 83 -11.51 -14.34 0.33
CA GLU A 83 -10.88 -13.16 -0.23
C GLU A 83 -10.13 -12.41 0.87
N ALA A 84 -8.83 -12.24 0.70
CA ALA A 84 -8.00 -11.60 1.70
C ALA A 84 -6.58 -11.46 1.14
N ASP A 85 -5.70 -10.85 1.92
CA ASP A 85 -4.26 -10.91 1.66
C ASP A 85 -3.66 -12.07 2.45
N TYR A 86 -2.72 -12.78 1.84
CA TYR A 86 -2.05 -13.91 2.47
C TYR A 86 -0.55 -13.67 2.42
N TYR A 87 0.10 -13.88 3.56
CA TYR A 87 1.54 -13.66 3.69
C TYR A 87 2.20 -14.96 4.15
N CYS A 88 3.28 -15.34 3.47
CA CYS A 88 4.10 -16.42 3.96
C CYS A 88 5.21 -15.84 4.83
N GLN A 89 5.82 -16.72 5.64
CA GLN A 89 6.76 -16.26 6.66
C GLN A 89 7.74 -17.39 6.97
N ALA A 90 9.01 -17.03 7.15
CA ALA A 90 10.03 -18.00 7.56
C ALA A 90 11.11 -17.27 8.35
N TRP A 91 11.88 -18.04 9.14
CA TRP A 91 12.99 -17.50 9.93
C TRP A 91 14.30 -17.75 9.19
N ASP A 92 15.16 -16.72 9.18
CA ASP A 92 16.52 -16.85 8.66
C ASP A 92 17.46 -16.26 9.69
N SER A 93 18.17 -17.13 10.41
CA SER A 93 19.10 -16.73 11.47
C SER A 93 18.54 -15.59 12.32
N SER A 94 17.48 -15.89 13.08
CA SER A 94 16.86 -14.98 14.03
C SER A 94 16.15 -13.80 13.39
N THR A 95 16.33 -13.56 12.10
CA THR A 95 15.53 -12.55 11.39
C THR A 95 14.22 -13.17 10.94
N VAL A 96 13.12 -12.46 11.12
CA VAL A 96 11.80 -12.93 10.68
C VAL A 96 11.52 -12.31 9.32
N VAL A 97 11.24 -13.16 8.33
CA VAL A 97 11.05 -12.71 6.95
C VAL A 97 9.61 -13.02 6.55
N PHE A 98 8.94 -12.03 5.96
CA PHE A 98 7.63 -12.19 5.33
C PHE A 98 7.77 -12.08 3.83
N GLY A 99 7.00 -12.88 3.10
CA GLY A 99 6.77 -12.59 1.70
C GLY A 99 6.07 -11.24 1.52
N GLY A 100 5.99 -10.81 0.26
CA GLY A 100 5.40 -9.52 -0.04
C GLY A 100 3.89 -9.49 0.05
N GLY A 101 3.24 -10.65 0.17
CA GLY A 101 1.80 -10.70 0.23
C GLY A 101 1.16 -11.02 -1.10
N THR A 102 0.09 -11.80 -1.08
CA THR A 102 -0.67 -12.16 -2.26
C THR A 102 -2.11 -11.74 -2.01
N LYS A 103 -2.67 -10.90 -2.88
CA LYS A 103 -4.10 -10.61 -2.77
C LYS A 103 -4.87 -11.70 -3.50
N LEU A 104 -5.68 -12.44 -2.76
CA LEU A 104 -6.56 -13.45 -3.35
C LEU A 104 -7.92 -12.83 -3.64
N THR A 105 -8.29 -12.81 -4.92
CA THR A 105 -9.62 -12.36 -5.30
C THR A 105 -10.47 -13.57 -5.67
N VAL A 106 -11.65 -13.67 -5.08
CA VAL A 106 -12.63 -14.65 -5.50
C VAL A 106 -13.56 -13.96 -6.49
N LEU A 107 -13.46 -14.33 -7.76
CA LEU A 107 -14.10 -13.58 -8.83
C LEU A 107 -15.62 -13.58 -8.69
N GLY A 108 -16.19 -12.40 -8.53
CA GLY A 108 -17.62 -12.19 -8.59
C GLY A 108 -18.12 -11.67 -9.92
N GLN A 109 -17.22 -11.44 -10.87
CA GLN A 109 -17.52 -10.95 -12.21
C GLN A 109 -16.28 -11.19 -13.07
N PRO A 110 -16.43 -11.18 -14.39
CA PRO A 110 -15.27 -11.39 -15.26
C PRO A 110 -14.20 -10.32 -15.08
N LYS A 111 -12.97 -10.71 -15.42
CA LYS A 111 -11.83 -9.80 -15.29
C LYS A 111 -11.97 -8.61 -16.25
N ALA A 112 -11.49 -7.45 -15.79
CA ALA A 112 -11.55 -6.24 -16.60
C ALA A 112 -10.18 -5.59 -16.63
N ALA A 113 -9.71 -5.26 -17.83
CA ALA A 113 -8.38 -4.67 -17.98
C ALA A 113 -8.43 -3.17 -17.71
N PRO A 114 -7.34 -2.60 -17.19
CA PRO A 114 -7.33 -1.18 -16.83
C PRO A 114 -7.16 -0.28 -18.03
N SER A 115 -7.78 0.90 -17.96
CA SER A 115 -7.43 1.99 -18.84
C SER A 115 -6.47 2.92 -18.10
N VAL A 116 -5.47 3.43 -18.81
CA VAL A 116 -4.38 4.19 -18.22
C VAL A 116 -4.23 5.51 -18.97
N THR A 117 -4.24 6.61 -18.23
CA THR A 117 -4.01 7.95 -18.78
C THR A 117 -2.84 8.58 -18.04
N LEU A 118 -1.86 9.08 -18.79
CA LEU A 118 -0.65 9.68 -18.20
C LEU A 118 -0.58 11.15 -18.59
N PHE A 119 -0.47 12.02 -17.59
CA PHE A 119 -0.31 13.44 -17.85
C PHE A 119 1.10 13.90 -17.48
N PRO A 120 1.76 14.66 -18.35
CA PRO A 120 3.04 15.26 -18.01
C PRO A 120 2.87 16.40 -17.03
N PRO A 121 3.96 16.95 -16.48
CA PRO A 121 3.86 18.16 -15.67
C PRO A 121 3.36 19.32 -16.50
N SER A 122 2.52 20.17 -15.91
CA SER A 122 2.06 21.35 -16.61
C SER A 122 3.17 22.40 -16.68
N SER A 123 3.10 23.24 -17.72
CA SER A 123 4.06 24.35 -17.78
C SER A 123 3.93 25.26 -16.55
N GLU A 124 2.71 25.38 -15.99
CA GLU A 124 2.53 26.22 -14.80
CA GLU A 124 2.51 26.20 -14.80
C GLU A 124 3.29 25.65 -13.61
N GLU A 125 3.21 24.33 -13.40
CA GLU A 125 3.93 23.75 -12.27
C GLU A 125 5.44 23.88 -12.46
N LEU A 126 5.92 23.63 -13.69
CA LEU A 126 7.35 23.83 -13.97
C LEU A 126 7.78 25.26 -13.67
N GLN A 127 6.94 26.23 -14.00
CA GLN A 127 7.25 27.61 -13.63
C GLN A 127 7.31 27.79 -12.12
N ALA A 128 6.58 26.98 -11.37
CA ALA A 128 6.66 27.00 -9.91
C ALA A 128 7.82 26.17 -9.38
N ASN A 129 8.77 25.81 -10.25
CA ASN A 129 9.97 25.04 -9.89
C ASN A 129 9.63 23.65 -9.36
N LYS A 130 8.56 23.04 -9.87
CA LYS A 130 8.13 21.72 -9.46
C LYS A 130 7.73 20.94 -10.70
N ALA A 131 7.55 19.63 -10.54
CA ALA A 131 7.12 18.77 -11.64
C ALA A 131 6.47 17.51 -11.09
N THR A 132 5.24 17.23 -11.54
CA THR A 132 4.50 16.05 -11.12
C THR A 132 3.91 15.37 -12.35
N LEU A 133 4.16 14.06 -12.48
CA LEU A 133 3.50 13.25 -13.47
C LEU A 133 2.36 12.47 -12.82
N VAL A 134 1.25 12.34 -13.54
CA VAL A 134 0.01 11.80 -12.98
C VAL A 134 -0.42 10.62 -13.83
N CYS A 135 -0.48 9.44 -13.23
CA CYS A 135 -0.90 8.22 -13.91
C CYS A 135 -2.21 7.75 -13.30
N LEU A 136 -3.28 7.74 -14.11
CA LEU A 136 -4.62 7.43 -13.64
C LEU A 136 -5.07 6.10 -14.25
N ILE A 137 -5.55 5.20 -13.39
CA ILE A 137 -5.79 3.80 -13.75
C ILE A 137 -7.21 3.46 -13.34
N SER A 138 -8.04 3.04 -14.30
CA SER A 138 -9.45 2.88 -13.99
C SER A 138 -10.01 1.62 -14.63
N ASP A 139 -11.14 1.17 -14.07
CA ASP A 139 -11.99 0.14 -14.67
C ASP A 139 -11.30 -1.23 -14.73
N PHE A 140 -10.54 -1.56 -13.70
CA PHE A 140 -9.91 -2.87 -13.67
C PHE A 140 -10.51 -3.74 -12.58
N TYR A 141 -10.43 -5.06 -12.80
CA TYR A 141 -10.91 -6.07 -11.86
C TYR A 141 -10.18 -7.37 -12.19
N PRO A 142 -9.59 -8.07 -11.20
CA PRO A 142 -9.56 -7.76 -9.76
C PRO A 142 -8.82 -6.47 -9.42
N GLY A 143 -9.03 -5.98 -8.20
CA GLY A 143 -8.44 -4.75 -7.73
C GLY A 143 -7.02 -4.90 -7.25
N ALA A 144 -6.12 -5.31 -8.14
CA ALA A 144 -4.70 -5.41 -7.82
C ALA A 144 -3.91 -5.03 -9.06
N VAL A 145 -2.99 -4.07 -8.91
CA VAL A 145 -2.11 -3.69 -10.01
C VAL A 145 -0.71 -3.46 -9.47
N THR A 146 0.24 -3.50 -10.39
CA THR A 146 1.61 -3.09 -10.13
C THR A 146 1.89 -1.85 -10.97
N VAL A 147 2.37 -0.79 -10.35
CA VAL A 147 2.72 0.43 -11.08
C VAL A 147 4.21 0.66 -10.95
N ALA A 148 4.88 0.79 -12.09
CA ALA A 148 6.32 1.08 -12.13
C ALA A 148 6.55 2.27 -13.05
N TRP A 149 7.40 3.19 -12.63
CA TRP A 149 7.77 4.35 -13.43
C TRP A 149 9.15 4.15 -14.03
N LYS A 150 9.34 4.71 -15.23
CA LYS A 150 10.61 4.62 -15.95
C LYS A 150 11.09 6.02 -16.29
N ALA A 151 12.37 6.28 -16.01
CA ALA A 151 13.08 7.45 -16.51
C ALA A 151 13.84 6.99 -17.74
N ASP A 152 13.42 7.47 -18.91
CA ASP A 152 13.80 6.86 -20.17
C ASP A 152 13.43 5.37 -20.10
N SER A 153 14.42 4.49 -20.15
CA SER A 153 14.13 3.07 -19.98
C SER A 153 14.57 2.53 -18.62
N SER A 154 15.03 3.41 -17.72
CA SER A 154 15.59 2.99 -16.44
C SER A 154 14.56 3.12 -15.33
N PRO A 155 14.69 2.33 -14.26
CA PRO A 155 13.73 2.44 -13.17
C PRO A 155 13.82 3.80 -12.49
N VAL A 156 12.76 4.12 -11.75
CA VAL A 156 12.72 5.31 -10.91
C VAL A 156 12.97 4.87 -9.49
N LYS A 157 13.88 5.54 -8.79
CA LYS A 157 14.31 5.08 -7.47
C LYS A 157 13.61 5.78 -6.31
N ALA A 158 12.97 6.92 -6.56
CA ALA A 158 12.35 7.70 -5.50
C ALA A 158 11.27 8.58 -6.11
N GLY A 159 10.39 9.10 -5.26
CA GLY A 159 9.44 10.12 -5.70
C GLY A 159 8.09 9.61 -6.14
N VAL A 160 7.82 8.29 -6.05
CA VAL A 160 6.56 7.68 -6.47
C VAL A 160 5.60 7.57 -5.29
N GLU A 161 4.33 7.93 -5.51
CA GLU A 161 3.26 7.77 -4.53
C GLU A 161 2.06 7.17 -5.25
N THR A 162 1.62 5.98 -4.82
CA THR A 162 0.59 5.21 -5.50
C THR A 162 -0.52 4.88 -4.50
N THR A 163 -1.77 5.03 -4.90
CA THR A 163 -2.87 4.68 -4.02
C THR A 163 -3.13 3.18 -4.05
N THR A 164 -3.71 2.67 -2.97
CA THR A 164 -4.37 1.37 -3.01
C THR A 164 -5.60 1.46 -3.91
N PRO A 165 -5.94 0.41 -4.65
CA PRO A 165 -7.12 0.49 -5.51
C PRO A 165 -8.39 0.67 -4.68
N SER A 166 -9.31 1.47 -5.19
CA SER A 166 -10.61 1.68 -4.54
C SER A 166 -11.74 1.34 -5.51
N LYS A 167 -12.85 0.91 -4.94
CA LYS A 167 -13.98 0.40 -5.71
C LYS A 167 -14.77 1.54 -6.34
N GLN A 168 -14.99 1.46 -7.65
CA GLN A 168 -15.82 2.41 -8.37
C GLN A 168 -17.31 2.07 -8.22
N SER A 169 -18.17 2.93 -8.76
CA SER A 169 -19.61 2.68 -8.73
C SER A 169 -19.98 1.38 -9.44
N ASN A 170 -19.29 1.09 -10.55
CA ASN A 170 -19.62 -0.09 -11.35
C ASN A 170 -18.95 -1.35 -10.84
N ASN A 171 -18.40 -1.31 -9.63
CA ASN A 171 -17.74 -2.41 -8.94
C ASN A 171 -16.38 -2.78 -9.52
N LYS A 172 -15.88 -2.05 -10.52
CA LYS A 172 -14.48 -2.20 -10.90
C LYS A 172 -13.61 -1.33 -9.99
N TYR A 173 -12.32 -1.29 -10.24
CA TYR A 173 -11.40 -0.58 -9.36
C TYR A 173 -10.67 0.55 -10.10
N ALA A 174 -10.25 1.52 -9.31
CA ALA A 174 -9.44 2.63 -9.80
C ALA A 174 -8.27 2.87 -8.86
N ALA A 175 -7.20 3.42 -9.41
CA ALA A 175 -6.05 3.83 -8.60
C ALA A 175 -5.34 4.95 -9.34
N SER A 176 -4.47 5.66 -8.60
CA SER A 176 -3.65 6.69 -9.21
C SER A 176 -2.22 6.61 -8.67
N SER A 177 -1.28 7.05 -9.47
CA SER A 177 0.13 7.11 -9.09
C SER A 177 0.70 8.45 -9.50
N TYR A 178 1.57 9.00 -8.66
CA TYR A 178 2.15 10.31 -8.85
C TYR A 178 3.66 10.20 -8.74
N LEU A 179 4.37 10.79 -9.69
CA LEU A 179 5.83 10.85 -9.66
C LEU A 179 6.23 12.32 -9.57
N SER A 180 6.93 12.67 -8.48
CA SER A 180 7.41 14.02 -8.26
C SER A 180 8.86 14.13 -8.72
N LEU A 181 9.14 15.11 -9.57
CA LEU A 181 10.49 15.33 -10.09
C LEU A 181 10.88 16.79 -9.91
N THR A 182 12.17 17.06 -10.05
CA THR A 182 12.58 18.43 -10.27
C THR A 182 12.40 18.79 -11.74
N PRO A 183 12.24 20.08 -12.05
CA PRO A 183 12.26 20.51 -13.46
C PRO A 183 13.49 20.01 -14.22
N GLU A 184 14.67 20.05 -13.60
CA GLU A 184 15.87 19.58 -14.28
C GLU A 184 15.78 18.10 -14.62
N GLN A 185 15.21 17.29 -13.72
CA GLN A 185 15.03 15.87 -14.02
C GLN A 185 14.05 15.66 -15.16
N TRP A 186 12.96 16.43 -15.18
CA TRP A 186 11.99 16.27 -16.26
C TRP A 186 12.60 16.62 -17.60
N LYS A 187 13.31 17.74 -17.68
CA LYS A 187 13.85 18.20 -18.95
C LYS A 187 15.09 17.43 -19.40
N SER A 188 15.77 16.72 -18.51
CA SER A 188 17.03 16.07 -18.86
C SER A 188 16.85 14.62 -19.33
N HIS A 189 15.62 14.12 -19.35
CA HIS A 189 15.32 12.79 -19.87
C HIS A 189 14.54 12.91 -21.16
N ARG A 190 14.72 11.92 -22.05
CA ARG A 190 13.93 11.92 -23.28
C ARG A 190 12.45 11.69 -23.00
N SER A 191 12.14 10.88 -21.97
CA SER A 191 10.75 10.55 -21.67
C SER A 191 10.69 9.93 -20.29
N TYR A 192 9.49 9.92 -19.74
CA TYR A 192 9.12 9.14 -18.58
C TYR A 192 7.93 8.26 -18.93
N SER A 193 7.82 7.12 -18.25
CA SER A 193 6.77 6.15 -18.52
C SER A 193 6.10 5.68 -17.25
N CYS A 194 4.79 5.50 -17.31
CA CYS A 194 4.03 4.78 -16.29
C CYS A 194 3.71 3.39 -16.82
N GLN A 195 4.16 2.36 -16.13
CA GLN A 195 3.92 0.97 -16.52
C GLN A 195 2.93 0.34 -15.55
N VAL A 196 1.80 -0.12 -16.07
CA VAL A 196 0.77 -0.74 -15.23
C VAL A 196 0.62 -2.20 -15.62
N THR A 197 0.84 -3.10 -14.64
CA THR A 197 0.69 -4.53 -14.82
C THR A 197 -0.54 -5.03 -14.06
N HIS A 198 -1.37 -5.78 -14.77
CA HIS A 198 -2.62 -6.29 -14.23
C HIS A 198 -2.82 -7.69 -14.78
N GLU A 199 -2.85 -8.69 -13.88
CA GLU A 199 -3.11 -10.09 -14.25
C GLU A 199 -2.12 -10.58 -15.32
N GLY A 200 -0.88 -10.11 -15.24
CA GLY A 200 0.16 -10.58 -16.15
C GLY A 200 0.28 -9.84 -17.46
N SER A 201 -0.60 -8.88 -17.72
CA SER A 201 -0.53 -8.00 -18.88
C SER A 201 -0.10 -6.62 -18.45
N THR A 202 0.62 -5.92 -19.32
CA THR A 202 1.22 -4.63 -19.00
C THR A 202 0.77 -3.57 -19.99
N VAL A 203 0.38 -2.41 -19.48
CA VAL A 203 0.12 -1.23 -20.29
C VAL A 203 1.17 -0.20 -19.92
N GLU A 204 1.84 0.37 -20.90
CA GLU A 204 2.84 1.39 -20.65
C GLU A 204 2.51 2.64 -21.44
N LYS A 205 2.35 3.76 -20.73
CA LYS A 205 2.15 5.07 -21.34
C LYS A 205 3.41 5.92 -21.12
N THR A 206 3.75 6.74 -22.10
CA THR A 206 4.99 7.48 -22.10
C THR A 206 4.73 8.94 -22.47
N VAL A 207 5.39 9.87 -21.79
CA VAL A 207 5.31 11.29 -22.10
C VAL A 207 6.72 11.86 -22.16
N ALA A 208 6.88 12.93 -22.93
CA ALA A 208 8.20 13.51 -23.17
C ALA A 208 8.16 15.02 -23.00
N PRO A 209 9.26 15.63 -22.57
CA PRO A 209 9.28 17.09 -22.42
C PRO A 209 9.11 17.82 -23.73
N THR A 210 9.57 17.25 -24.84
CA THR A 210 9.49 17.88 -26.16
C THR A 210 8.13 17.65 -26.82
N GLU A 211 7.09 17.43 -26.01
CA GLU A 211 5.73 17.19 -26.50
C GLU A 211 5.68 16.03 -27.49
N GLU B 1 -8.55 -16.70 21.18
CA GLU B 1 -8.65 -17.34 22.50
C GLU B 1 -7.84 -16.59 23.54
N VAL B 2 -6.64 -16.13 23.19
CA VAL B 2 -5.87 -15.24 24.05
C VAL B 2 -5.63 -13.94 23.30
N GLN B 3 -5.28 -12.89 24.05
CA GLN B 3 -5.31 -11.54 23.52
C GLN B 3 -4.04 -10.77 23.86
N LEU B 4 -3.65 -9.91 22.93
CA LEU B 4 -2.65 -8.88 23.11
C LEU B 4 -3.29 -7.54 22.76
N GLN B 5 -3.01 -6.51 23.56
CA GLN B 5 -3.64 -5.20 23.39
C GLN B 5 -2.55 -4.14 23.43
N GLU B 6 -2.29 -3.51 22.29
CA GLU B 6 -1.24 -2.51 22.20
C GLU B 6 -1.81 -1.13 22.53
N SER B 7 -0.91 -0.24 22.97
CA SER B 7 -1.29 1.15 23.19
C SER B 7 -0.06 2.02 23.04
N GLY B 8 -0.30 3.34 23.01
CA GLY B 8 0.76 4.32 22.92
C GLY B 8 0.91 4.98 21.56
N GLY B 9 0.23 4.47 20.54
CA GLY B 9 0.34 5.06 19.22
C GLY B 9 -0.23 6.47 19.17
N GLY B 10 0.14 7.19 18.13
CA GLY B 10 -0.37 8.53 17.96
C GLY B 10 0.45 9.29 16.95
N LEU B 11 0.25 10.60 16.96
CA LEU B 11 0.89 11.51 16.02
C LEU B 11 2.16 12.07 16.64
N VAL B 12 3.27 11.95 15.92
CA VAL B 12 4.56 12.45 16.41
C VAL B 12 5.27 13.13 15.23
N LYS B 13 6.03 14.17 15.55
CA LYS B 13 6.77 14.90 14.53
C LYS B 13 8.03 14.15 14.13
N PRO B 14 8.53 14.38 12.92
CA PRO B 14 9.81 13.78 12.53
C PRO B 14 10.91 14.15 13.51
N GLY B 15 11.69 13.15 13.90
CA GLY B 15 12.70 13.30 14.92
C GLY B 15 12.19 13.10 16.33
N GLY B 16 10.89 12.91 16.52
CA GLY B 16 10.32 12.75 17.84
C GLY B 16 10.45 11.34 18.37
N SER B 17 9.89 11.15 19.55
CA SER B 17 9.98 9.89 20.29
C SER B 17 8.60 9.44 20.72
N LEU B 18 8.46 8.13 20.86
CA LEU B 18 7.19 7.52 21.26
C LEU B 18 7.52 6.18 21.88
N ARG B 19 6.73 5.78 22.88
CA ARG B 19 6.89 4.49 23.53
C ARG B 19 5.58 3.71 23.40
N LEU B 20 5.66 2.53 22.79
CA LEU B 20 4.51 1.64 22.70
C LEU B 20 4.58 0.59 23.80
N SER B 21 3.40 0.15 24.25
CA SER B 21 3.31 -0.96 25.19
C SER B 21 2.30 -1.96 24.68
N CYS B 22 2.42 -3.18 25.19
CA CYS B 22 1.51 -4.25 24.84
C CYS B 22 1.27 -5.08 26.08
N ALA B 23 0.00 -5.30 26.41
CA ALA B 23 -0.40 -6.09 27.57
C ALA B 23 -1.04 -7.40 27.12
N ALA B 24 -0.65 -8.48 27.77
CA ALA B 24 -1.13 -9.82 27.45
C ALA B 24 -2.24 -10.25 28.41
N SER B 25 -3.16 -11.07 27.91
CA SER B 25 -4.16 -11.69 28.78
C SER B 25 -4.54 -13.05 28.22
N GLY B 26 -4.77 -14.01 29.12
CA GLY B 26 -5.14 -15.35 28.75
C GLY B 26 -3.99 -16.34 28.73
N PHE B 27 -2.75 -15.87 28.69
CA PHE B 27 -1.57 -16.73 28.77
C PHE B 27 -0.54 -16.08 29.70
N THR B 28 0.38 -16.91 30.18
CA THR B 28 1.43 -16.45 31.07
C THR B 28 2.48 -15.70 30.25
N PHE B 29 2.49 -14.37 30.38
CA PHE B 29 3.38 -13.53 29.57
C PHE B 29 4.83 -13.97 29.69
N SER B 30 5.26 -14.33 30.90
CA SER B 30 6.67 -14.63 31.13
C SER B 30 7.13 -15.94 30.49
N SER B 31 6.25 -16.71 29.87
CA SER B 31 6.62 -17.99 29.30
C SER B 31 6.99 -17.92 27.83
N TYR B 32 6.85 -16.77 27.17
CA TYR B 32 6.92 -16.74 25.72
C TYR B 32 7.79 -15.60 25.21
N SER B 33 8.49 -15.87 24.10
CA SER B 33 9.10 -14.82 23.31
C SER B 33 8.03 -13.92 22.70
N MET B 34 8.34 -12.64 22.58
CA MET B 34 7.41 -11.64 22.07
C MET B 34 8.07 -10.87 20.94
N ASN B 35 7.24 -10.33 20.03
CA ASN B 35 7.72 -9.70 18.82
C ASN B 35 6.91 -8.43 18.55
N TRP B 36 7.55 -7.49 17.85
CA TRP B 36 6.84 -6.38 17.22
C TRP B 36 6.92 -6.52 15.71
N VAL B 37 5.80 -6.21 15.03
CA VAL B 37 5.71 -6.21 13.59
C VAL B 37 4.98 -4.94 13.19
N ARG B 38 5.36 -4.35 12.05
CA ARG B 38 4.65 -3.17 11.59
C ARG B 38 4.20 -3.32 10.14
N GLN B 39 3.24 -2.46 9.77
CA GLN B 39 2.65 -2.51 8.42
C GLN B 39 2.29 -1.09 8.03
N ALA B 40 2.98 -0.55 7.04
CA ALA B 40 2.63 0.77 6.53
C ALA B 40 1.32 0.68 5.76
N PRO B 41 0.55 1.77 5.70
CA PRO B 41 -0.74 1.75 5.01
C PRO B 41 -0.63 1.22 3.59
N GLY B 42 -1.44 0.22 3.27
CA GLY B 42 -1.44 -0.37 1.95
C GLY B 42 -0.26 -1.25 1.61
N LYS B 43 0.64 -1.51 2.56
CA LYS B 43 1.87 -2.25 2.29
C LYS B 43 1.89 -3.57 3.08
N GLY B 44 3.04 -4.25 3.04
CA GLY B 44 3.17 -5.58 3.60
C GLY B 44 3.64 -5.56 5.05
N LEU B 45 3.79 -6.77 5.59
CA LEU B 45 4.20 -6.93 6.98
C LEU B 45 5.74 -6.92 7.06
N GLU B 46 6.26 -6.19 8.06
CA GLU B 46 7.69 -6.06 8.29
C GLU B 46 7.99 -6.30 9.77
N TRP B 47 8.72 -7.37 10.06
CA TRP B 47 9.12 -7.64 11.44
C TRP B 47 10.06 -6.55 11.94
N VAL B 48 9.86 -6.16 13.19
CA VAL B 48 10.63 -5.08 13.80
C VAL B 48 11.66 -5.60 14.80
N SER B 49 11.23 -6.44 15.75
CA SER B 49 12.12 -6.81 16.86
C SER B 49 11.54 -8.01 17.62
N SER B 50 12.43 -8.74 18.31
CA SER B 50 12.04 -9.90 19.10
C SER B 50 12.81 -9.91 20.41
N ILE B 51 12.22 -10.51 21.44
CA ILE B 51 12.82 -10.60 22.77
C ILE B 51 12.36 -11.88 23.44
N THR B 52 13.30 -12.62 24.00
CA THR B 52 12.90 -13.83 24.70
C THR B 52 12.31 -13.48 26.06
N SER B 53 11.69 -14.48 26.69
CA SER B 53 11.10 -14.24 28.00
C SER B 53 12.15 -13.76 29.00
N SER B 54 13.38 -14.25 28.88
CA SER B 54 14.47 -13.88 29.78
C SER B 54 15.10 -12.54 29.45
N SER B 55 14.75 -11.94 28.32
CA SER B 55 15.37 -10.73 27.77
C SER B 55 16.85 -10.93 27.42
N SER B 56 17.35 -12.16 27.39
CA SER B 56 18.76 -12.40 27.09
CA SER B 56 18.77 -12.37 27.09
C SER B 56 19.07 -12.52 25.60
N TYR B 57 18.05 -12.68 24.76
CA TYR B 57 18.24 -12.74 23.31
C TYR B 57 17.28 -11.75 22.66
N ILE B 58 17.83 -10.75 21.98
CA ILE B 58 17.08 -9.62 21.45
C ILE B 58 17.59 -9.37 20.04
N TYR B 59 16.68 -9.23 19.08
CA TYR B 59 17.05 -9.03 17.69
C TYR B 59 16.21 -7.90 17.10
N TYR B 60 16.82 -7.17 16.16
CA TYR B 60 16.17 -6.05 15.49
C TYR B 60 16.32 -6.17 13.98
N ALA B 61 15.31 -5.71 13.26
CA ALA B 61 15.47 -5.47 11.83
C ALA B 61 16.47 -4.34 11.61
N ASP B 62 17.23 -4.44 10.52
CA ASP B 62 18.20 -3.40 10.19
C ASP B 62 17.54 -2.03 10.06
N SER B 63 16.29 -1.97 9.62
CA SER B 63 15.66 -0.69 9.37
C SER B 63 15.45 0.13 10.64
N VAL B 64 15.58 -0.47 11.82
CA VAL B 64 15.32 0.22 13.08
C VAL B 64 16.49 0.16 14.04
N LYS B 65 17.59 -0.50 13.66
CA LYS B 65 18.74 -0.59 14.54
C LYS B 65 19.26 0.79 14.91
N GLY B 66 19.65 0.94 16.19
CA GLY B 66 20.16 2.20 16.67
C GLY B 66 19.10 3.23 17.04
N ARG B 67 17.84 2.99 16.69
CA ARG B 67 16.75 3.92 16.98
C ARG B 67 15.65 3.35 17.86
N PHE B 68 15.35 2.06 17.76
CA PHE B 68 14.30 1.41 18.53
C PHE B 68 14.90 0.51 19.60
N THR B 69 14.18 0.35 20.72
CA THR B 69 14.62 -0.56 21.78
C THR B 69 13.43 -1.35 22.29
N ILE B 70 13.54 -2.68 22.25
CA ILE B 70 12.52 -3.57 22.77
C ILE B 70 12.87 -3.95 24.20
N SER B 71 11.84 -4.03 25.06
CA SER B 71 12.04 -4.47 26.43
C SER B 71 10.72 -5.06 26.92
N ARG B 72 10.79 -5.70 28.09
CA ARG B 72 9.60 -6.31 28.65
C ARG B 72 9.69 -6.29 30.16
N ASP B 73 8.52 -6.23 30.80
CA ASP B 73 8.42 -6.33 32.25
C ASP B 73 7.48 -7.51 32.50
N ASN B 74 8.06 -8.65 32.88
CA ASN B 74 7.25 -9.85 33.05
C ASN B 74 6.27 -9.71 34.20
N ALA B 75 6.69 -9.05 35.28
CA ALA B 75 5.83 -8.85 36.43
C ALA B 75 4.61 -7.99 36.11
N LYS B 76 4.67 -7.18 35.06
CA LYS B 76 3.55 -6.31 34.67
C LYS B 76 2.87 -6.79 33.39
N ASN B 77 3.26 -7.95 32.86
CA ASN B 77 2.64 -8.52 31.67
C ASN B 77 2.71 -7.57 30.49
N SER B 78 3.83 -6.86 30.36
CA SER B 78 3.93 -5.80 29.37
C SER B 78 5.19 -5.93 28.51
N LEU B 79 5.00 -5.71 27.21
CA LEU B 79 6.06 -5.55 26.23
C LEU B 79 6.15 -4.07 25.87
N TYR B 80 7.36 -3.57 25.63
CA TYR B 80 7.53 -2.16 25.26
C TYR B 80 8.36 -2.04 24.00
N LEU B 81 8.13 -0.94 23.29
CA LEU B 81 8.97 -0.55 22.15
C LEU B 81 9.24 0.94 22.29
N GLN B 82 10.48 1.29 22.60
CA GLN B 82 10.91 2.68 22.62
C GLN B 82 11.36 3.03 21.22
N MET B 83 10.78 4.09 20.66
CA MET B 83 11.03 4.49 19.27
C MET B 83 11.60 5.90 19.30
N ASN B 84 12.86 6.05 18.91
CA ASN B 84 13.53 7.34 18.84
C ASN B 84 13.88 7.68 17.39
N SER B 85 14.15 8.97 17.17
CA SER B 85 14.57 9.49 15.87
C SER B 85 13.61 9.06 14.78
N LEU B 86 12.32 9.22 15.05
CA LEU B 86 11.29 8.71 14.15
C LEU B 86 11.32 9.46 12.82
N ARG B 87 11.01 8.73 11.75
CA ARG B 87 10.98 9.21 10.39
C ARG B 87 9.60 8.96 9.80
N ALA B 88 9.29 9.68 8.72
CA ALA B 88 8.02 9.44 8.03
C ALA B 88 7.90 7.98 7.60
N GLU B 89 9.03 7.37 7.19
CA GLU B 89 9.04 5.96 6.82
C GLU B 89 8.59 5.05 7.95
N ASP B 90 8.64 5.50 9.21
CA ASP B 90 8.19 4.66 10.31
C ASP B 90 6.68 4.69 10.50
N THR B 91 5.95 5.52 9.76
CA THR B 91 4.50 5.53 9.85
C THR B 91 3.96 4.15 9.50
N ALA B 92 3.17 3.57 10.42
CA ALA B 92 2.69 2.20 10.25
C ALA B 92 1.79 1.85 11.41
N VAL B 93 1.00 0.80 11.21
CA VAL B 93 0.35 0.11 12.33
C VAL B 93 1.38 -0.84 12.94
N TYR B 94 1.54 -0.77 14.26
CA TYR B 94 2.48 -1.61 14.98
C TYR B 94 1.71 -2.67 15.75
N TYR B 95 2.07 -3.94 15.52
CA TYR B 95 1.42 -5.08 16.14
C TYR B 95 2.38 -5.74 17.13
N CYS B 96 1.84 -6.10 18.28
CA CYS B 96 2.41 -7.07 19.19
C CYS B 96 2.06 -8.48 18.72
N ALA B 97 3.03 -9.40 18.77
CA ALA B 97 2.74 -10.79 18.42
C ALA B 97 3.53 -11.76 19.28
N ARG B 98 2.85 -12.81 19.78
CA ARG B 98 3.51 -13.86 20.55
C ARG B 98 4.05 -14.94 19.63
N ASP B 99 5.26 -15.44 19.95
CA ASP B 99 5.83 -16.61 19.31
C ASP B 99 5.69 -17.79 20.27
N PRO B 100 4.71 -18.67 20.12
CA PRO B 100 4.57 -19.77 21.07
C PRO B 100 5.31 -21.01 20.62
N GLY B 101 6.26 -20.85 19.70
CA GLY B 101 6.93 -21.98 19.11
C GLY B 101 8.00 -22.56 20.01
N ILE B 102 8.79 -23.46 19.43
CA ILE B 102 9.88 -24.13 20.10
C ILE B 102 11.18 -23.50 19.59
N ALA B 103 11.83 -22.69 20.43
CA ALA B 103 13.08 -22.07 20.04
C ALA B 103 14.14 -23.11 19.70
N ALA B 104 14.16 -24.23 20.44
CA ALA B 104 15.20 -25.23 20.21
C ALA B 104 15.08 -25.85 18.83
N ALA B 105 13.86 -26.01 18.31
CA ALA B 105 13.66 -26.57 16.99
C ALA B 105 13.61 -25.52 15.91
N ASP B 106 13.85 -24.25 16.24
CA ASP B 106 13.70 -23.13 15.30
C ASP B 106 12.35 -23.21 14.60
N ASN B 107 11.34 -23.64 15.36
CA ASN B 107 9.96 -23.78 14.89
C ASN B 107 9.15 -22.65 15.51
N HIS B 108 9.00 -21.56 14.76
CA HIS B 108 8.35 -20.36 15.27
C HIS B 108 7.13 -20.02 14.41
N TRP B 109 6.25 -19.21 14.99
CA TRP B 109 5.12 -18.63 14.29
C TRP B 109 4.53 -17.59 15.24
N PHE B 110 3.63 -16.76 14.72
CA PHE B 110 3.05 -15.65 15.46
C PHE B 110 1.57 -15.93 15.74
N ASP B 111 1.22 -16.08 17.01
CA ASP B 111 -0.17 -16.31 17.40
C ASP B 111 -0.30 -16.05 18.89
N PRO B 112 -1.16 -15.11 19.32
CA PRO B 112 -1.97 -14.23 18.48
C PRO B 112 -1.22 -12.98 18.05
N TRP B 113 -1.89 -12.14 17.28
CA TRP B 113 -1.46 -10.78 17.02
C TRP B 113 -2.40 -9.84 17.78
N GLY B 114 -1.88 -8.71 18.20
CA GLY B 114 -2.73 -7.69 18.78
C GLY B 114 -3.60 -7.03 17.72
N GLN B 115 -4.44 -6.10 18.17
CA GLN B 115 -5.23 -5.33 17.22
C GLN B 115 -4.41 -4.27 16.52
N GLY B 116 -3.24 -3.93 17.04
CA GLY B 116 -2.39 -2.95 16.39
C GLY B 116 -2.66 -1.55 16.88
N THR B 117 -1.61 -0.72 16.84
CA THR B 117 -1.71 0.68 17.21
C THR B 117 -1.01 1.50 16.13
N LEU B 118 -1.65 2.58 15.71
CA LEU B 118 -1.18 3.35 14.56
C LEU B 118 -0.21 4.42 15.02
N VAL B 119 0.98 4.46 14.40
CA VAL B 119 1.97 5.50 14.61
C VAL B 119 2.04 6.35 13.35
N THR B 120 1.77 7.65 13.48
CA THR B 120 1.85 8.58 12.36
C THR B 120 2.96 9.57 12.64
N VAL B 121 4.01 9.53 11.82
CA VAL B 121 5.14 10.44 11.93
C VAL B 121 4.97 11.48 10.84
N SER B 122 4.58 12.69 11.24
CA SER B 122 4.21 13.71 10.27
C SER B 122 4.21 15.08 10.94
N SER B 123 4.73 16.07 10.22
CA SER B 123 4.66 17.47 10.61
C SER B 123 3.73 18.27 9.72
N ALA B 124 2.80 17.59 9.05
CA ALA B 124 1.81 18.28 8.23
C ALA B 124 0.92 19.14 9.10
N SER B 125 0.60 20.32 8.60
CA SER B 125 -0.41 21.19 9.20
C SER B 125 -1.35 21.62 8.09
N THR B 126 -2.40 22.35 8.46
CA THR B 126 -3.37 22.82 7.48
C THR B 126 -2.66 23.52 6.32
N LYS B 127 -2.94 23.04 5.10
CA LYS B 127 -2.32 23.62 3.92
C LYS B 127 -3.30 23.56 2.76
N GLY B 128 -3.47 24.69 2.06
CA GLY B 128 -4.28 24.73 0.88
C GLY B 128 -3.54 24.15 -0.32
N PRO B 129 -4.28 23.64 -1.29
CA PRO B 129 -3.65 22.97 -2.44
C PRO B 129 -3.10 23.95 -3.46
N SER B 130 -2.14 23.47 -4.22
CA SER B 130 -1.81 24.04 -5.52
C SER B 130 -2.63 23.28 -6.54
N VAL B 131 -3.24 24.01 -7.47
CA VAL B 131 -4.09 23.40 -8.48
C VAL B 131 -3.46 23.64 -9.84
N PHE B 132 -3.22 22.57 -10.58
CA PHE B 132 -2.55 22.66 -11.87
C PHE B 132 -3.42 22.05 -12.96
N PRO B 133 -3.43 22.63 -14.16
CA PRO B 133 -4.27 22.08 -15.23
C PRO B 133 -3.59 20.89 -15.88
N LEU B 134 -4.41 19.90 -16.23
CA LEU B 134 -3.97 18.71 -16.96
C LEU B 134 -4.54 18.85 -18.37
N ALA B 135 -3.72 19.40 -19.28
CA ALA B 135 -4.21 19.82 -20.58
C ALA B 135 -4.68 18.64 -21.44
N PRO B 136 -5.71 18.85 -22.27
CA PRO B 136 -6.40 17.72 -22.91
C PRO B 136 -5.52 16.84 -23.79
N SER B 137 -5.91 15.57 -23.88
CA SER B 137 -5.25 14.58 -24.70
CA SER B 137 -5.25 14.58 -24.70
C SER B 137 -6.25 13.50 -25.09
N SER B 138 -6.14 12.99 -26.31
CA SER B 138 -7.05 11.97 -26.81
C SER B 138 -6.33 10.66 -27.10
N SER B 139 -5.22 10.40 -26.40
CA SER B 139 -4.41 9.21 -26.70
C SER B 139 -4.84 7.97 -25.93
N SER B 140 -5.61 8.12 -24.85
CA SER B 140 -5.93 6.99 -23.98
C SER B 140 -7.44 6.81 -23.80
N LYS B 141 -8.18 7.90 -23.93
CA LYS B 141 -9.64 7.89 -23.82
C LYS B 141 -10.16 8.70 -25.00
N SER B 142 -10.38 8.02 -26.13
CA SER B 142 -10.78 8.74 -27.35
C SER B 142 -11.97 8.09 -28.04
N GLY B 143 -11.96 8.15 -29.37
CA GLY B 143 -13.14 7.84 -30.15
C GLY B 143 -13.97 9.09 -30.31
N GLY B 144 -13.30 10.19 -30.65
CA GLY B 144 -13.93 11.49 -30.73
C GLY B 144 -13.94 12.28 -29.44
N THR B 145 -13.16 11.88 -28.44
CA THR B 145 -13.14 12.57 -27.16
C THR B 145 -11.70 12.80 -26.70
N ALA B 146 -11.58 13.69 -25.73
CA ALA B 146 -10.30 14.05 -25.13
C ALA B 146 -10.46 14.11 -23.62
N ALA B 147 -9.43 13.69 -22.90
CA ALA B 147 -9.43 13.74 -21.45
C ALA B 147 -8.65 14.97 -20.99
N LEU B 148 -9.23 15.74 -20.06
CA LEU B 148 -8.50 16.83 -19.44
C LEU B 148 -8.83 16.81 -17.96
N GLY B 149 -8.04 17.53 -17.18
CA GLY B 149 -8.29 17.48 -15.75
C GLY B 149 -7.55 18.54 -14.97
N CYS B 150 -7.61 18.37 -13.65
CA CYS B 150 -6.91 19.22 -12.69
C CYS B 150 -6.19 18.34 -11.69
N LEU B 151 -4.96 18.75 -11.36
CA LEU B 151 -4.19 18.12 -10.30
C LEU B 151 -4.31 18.99 -9.05
N VAL B 152 -4.79 18.42 -7.98
CA VAL B 152 -4.97 19.14 -6.72
C VAL B 152 -3.87 18.66 -5.78
N LYS B 153 -2.81 19.45 -5.64
CA LYS B 153 -1.54 18.97 -5.12
C LYS B 153 -1.27 19.49 -3.72
N ASP B 154 -0.89 18.59 -2.81
CA ASP B 154 -0.26 18.92 -1.52
C ASP B 154 -1.18 19.75 -0.62
N TYR B 155 -2.29 19.14 -0.22
CA TYR B 155 -3.19 19.80 0.70
C TYR B 155 -3.32 18.97 1.97
N PHE B 156 -3.83 19.61 3.03
CA PHE B 156 -4.04 18.94 4.30
C PHE B 156 -4.95 19.80 5.18
N PRO B 157 -5.90 19.21 5.92
CA PRO B 157 -6.31 17.80 5.87
C PRO B 157 -7.35 17.54 4.81
N GLU B 158 -7.90 16.34 4.78
CA GLU B 158 -9.09 16.05 3.99
C GLU B 158 -10.28 16.83 4.55
N PRO B 159 -11.32 17.08 3.72
CA PRO B 159 -11.44 16.73 2.31
C PRO B 159 -11.31 17.91 1.36
N VAL B 160 -11.26 17.60 0.08
CA VAL B 160 -11.39 18.56 -1.01
C VAL B 160 -12.55 18.11 -1.89
N THR B 161 -13.33 19.04 -2.40
CA THR B 161 -14.35 18.72 -3.40
C THR B 161 -13.98 19.36 -4.72
N VAL B 162 -14.34 18.68 -5.81
CA VAL B 162 -14.09 19.17 -7.17
C VAL B 162 -15.36 19.05 -7.97
N SER B 163 -15.71 20.12 -8.68
CA SER B 163 -16.76 20.05 -9.69
C SER B 163 -16.21 20.66 -10.96
N TRP B 164 -16.96 20.54 -12.05
CA TRP B 164 -16.56 21.07 -13.34
C TRP B 164 -17.62 22.02 -13.86
N ASN B 165 -17.17 23.19 -14.32
CA ASN B 165 -18.06 24.23 -14.86
C ASN B 165 -19.25 24.47 -13.92
N SER B 166 -18.90 24.79 -12.66
CA SER B 166 -19.85 25.09 -11.59
C SER B 166 -20.82 23.95 -11.32
N GLY B 167 -20.49 22.73 -11.74
CA GLY B 167 -21.38 21.60 -11.57
C GLY B 167 -22.29 21.31 -12.75
N ALA B 168 -22.22 22.12 -13.81
CA ALA B 168 -23.05 21.89 -14.98
C ALA B 168 -22.49 20.78 -15.87
N LEU B 169 -21.23 20.42 -15.70
CA LEU B 169 -20.62 19.32 -16.44
C LEU B 169 -20.45 18.16 -15.47
N THR B 170 -21.20 17.08 -15.70
CA THR B 170 -21.15 15.93 -14.79
C THR B 170 -20.86 14.61 -15.50
N SER B 171 -21.35 14.41 -16.72
CA SER B 171 -21.07 13.17 -17.42
C SER B 171 -19.61 13.14 -17.85
N GLY B 172 -18.99 11.97 -17.70
CA GLY B 172 -17.59 11.84 -18.05
C GLY B 172 -16.61 12.32 -16.99
N VAL B 173 -17.10 12.71 -15.80
CA VAL B 173 -16.22 13.18 -14.73
C VAL B 173 -15.78 12.00 -13.86
N HIS B 174 -14.48 11.89 -13.63
CA HIS B 174 -13.91 10.89 -12.74
C HIS B 174 -12.94 11.60 -11.81
N THR B 175 -13.34 11.73 -10.54
CA THR B 175 -12.48 12.30 -9.51
C THR B 175 -11.89 11.14 -8.71
N PHE B 176 -10.57 11.08 -8.64
CA PHE B 176 -9.89 9.95 -8.03
C PHE B 176 -9.67 10.17 -6.54
N PRO B 177 -9.79 9.13 -5.72
CA PRO B 177 -9.46 9.26 -4.29
C PRO B 177 -8.04 9.76 -4.10
N ALA B 178 -7.87 10.59 -3.07
CA ALA B 178 -6.59 11.22 -2.80
C ALA B 178 -5.53 10.19 -2.40
N VAL B 179 -4.27 10.50 -2.73
CA VAL B 179 -3.13 9.75 -2.21
C VAL B 179 -2.62 10.47 -0.98
N LEU B 180 -2.28 9.70 0.06
CA LEU B 180 -1.58 10.26 1.22
C LEU B 180 -0.09 10.03 1.01
N GLN B 181 0.66 11.10 0.85
CA GLN B 181 2.04 11.00 0.44
C GLN B 181 2.95 10.89 1.65
N SER B 182 4.19 10.48 1.39
CA SER B 182 5.15 10.33 2.47
C SER B 182 5.40 11.65 3.19
N SER B 183 5.13 12.78 2.52
CA SER B 183 5.21 14.08 3.17
C SER B 183 4.09 14.31 4.18
N GLY B 184 3.11 13.41 4.24
CA GLY B 184 1.94 13.64 5.06
C GLY B 184 0.89 14.52 4.43
N LEU B 185 1.11 15.02 3.22
CA LEU B 185 0.14 15.82 2.50
C LEU B 185 -0.60 14.95 1.48
N TYR B 186 -1.83 15.35 1.14
CA TYR B 186 -2.67 14.67 0.16
C TYR B 186 -2.56 15.33 -1.20
N SER B 187 -2.76 14.52 -2.24
CA SER B 187 -2.96 15.03 -3.60
C SER B 187 -4.07 14.21 -4.25
N LEU B 188 -4.85 14.86 -5.12
CA LEU B 188 -5.82 14.11 -5.91
C LEU B 188 -5.90 14.71 -7.31
N SER B 189 -6.54 13.96 -8.20
CA SER B 189 -6.78 14.41 -9.56
C SER B 189 -8.23 14.19 -9.92
N SER B 190 -8.75 15.05 -10.77
CA SER B 190 -10.08 14.89 -11.33
C SER B 190 -9.95 15.06 -12.84
N VAL B 191 -10.55 14.15 -13.60
CA VAL B 191 -10.49 14.24 -15.05
C VAL B 191 -11.91 14.14 -15.59
N VAL B 192 -12.13 14.82 -16.71
CA VAL B 192 -13.38 14.73 -17.45
C VAL B 192 -13.06 14.42 -18.90
N THR B 193 -13.87 13.58 -19.53
CA THR B 193 -13.74 13.30 -20.95
C THR B 193 -14.82 14.07 -21.69
N VAL B 194 -14.40 14.84 -22.70
CA VAL B 194 -15.28 15.77 -23.41
C VAL B 194 -15.12 15.54 -24.90
N PRO B 195 -16.09 15.96 -25.70
CA PRO B 195 -15.93 15.88 -27.16
C PRO B 195 -14.72 16.69 -27.61
N SER B 196 -13.88 16.07 -28.43
CA SER B 196 -12.65 16.74 -28.85
C SER B 196 -12.95 17.96 -29.73
N SER B 197 -14.07 17.97 -30.43
CA SER B 197 -14.44 19.12 -31.24
C SER B 197 -14.79 20.34 -30.39
N SER B 198 -15.13 20.15 -29.12
CA SER B 198 -15.46 21.27 -28.26
C SER B 198 -14.24 21.94 -27.64
N LEU B 199 -13.05 21.34 -27.80
CA LEU B 199 -11.86 21.87 -27.13
C LEU B 199 -11.57 23.31 -27.55
N GLY B 200 -12.01 23.71 -28.73
CA GLY B 200 -11.79 25.06 -29.19
C GLY B 200 -12.87 26.03 -28.79
N THR B 201 -14.09 25.55 -28.57
CA THR B 201 -15.23 26.42 -28.35
C THR B 201 -15.67 26.50 -26.89
N GLN B 202 -15.47 25.45 -26.10
CA GLN B 202 -16.02 25.36 -24.75
C GLN B 202 -14.91 25.49 -23.72
N THR B 203 -15.05 26.47 -22.82
CA THR B 203 -14.15 26.60 -21.69
C THR B 203 -14.44 25.53 -20.64
N TYR B 204 -13.38 24.95 -20.08
CA TYR B 204 -13.50 23.95 -19.02
C TYR B 204 -12.78 24.46 -17.78
N ILE B 205 -13.50 24.48 -16.67
CA ILE B 205 -13.00 25.01 -15.41
C ILE B 205 -13.27 24.01 -14.30
N CYS B 206 -12.23 23.62 -13.57
CA CYS B 206 -12.44 22.79 -12.40
C CYS B 206 -12.56 23.68 -11.16
N ASN B 207 -13.63 23.48 -10.39
CA ASN B 207 -13.91 24.25 -9.19
C ASN B 207 -13.45 23.44 -7.98
N VAL B 208 -12.38 23.89 -7.34
CA VAL B 208 -11.77 23.18 -6.22
C VAL B 208 -12.10 23.92 -4.94
N ASN B 209 -12.60 23.21 -3.94
CA ASN B 209 -12.94 23.78 -2.64
C ASN B 209 -12.20 23.00 -1.57
N HIS B 210 -11.42 23.71 -0.76
CA HIS B 210 -10.73 23.11 0.38
C HIS B 210 -11.12 23.90 1.61
N LYS B 211 -12.27 23.55 2.18
CA LYS B 211 -12.78 24.24 3.37
C LYS B 211 -11.78 24.30 4.53
N PRO B 212 -11.00 23.26 4.85
CA PRO B 212 -10.13 23.37 6.03
C PRO B 212 -9.14 24.52 5.98
N SER B 213 -8.61 24.85 4.81
CA SER B 213 -7.70 25.98 4.67
C SER B 213 -8.40 27.23 4.16
N ASN B 214 -9.71 27.19 3.94
CA ASN B 214 -10.47 28.32 3.40
C ASN B 214 -9.91 28.76 2.05
N THR B 215 -9.71 27.80 1.17
CA THR B 215 -9.16 28.03 -0.16
C THR B 215 -10.14 27.53 -1.21
N LYS B 216 -10.40 28.35 -2.22
CA LYS B 216 -11.12 27.91 -3.40
C LYS B 216 -10.31 28.32 -4.63
N VAL B 217 -10.23 27.42 -5.61
CA VAL B 217 -9.55 27.69 -6.87
C VAL B 217 -10.48 27.30 -8.02
N ASP B 218 -10.66 28.20 -8.97
CA ASP B 218 -11.34 27.93 -10.24
C ASP B 218 -10.25 27.94 -11.31
N LYS B 219 -9.86 26.76 -11.79
CA LYS B 219 -8.73 26.62 -12.71
C LYS B 219 -9.23 26.34 -14.12
N ARG B 220 -8.98 27.28 -15.04
CA ARG B 220 -9.25 27.05 -16.45
C ARG B 220 -8.24 26.07 -17.01
N VAL B 221 -8.72 25.10 -17.78
CA VAL B 221 -7.88 24.06 -18.37
C VAL B 221 -7.92 24.25 -19.88
N GLU B 222 -6.88 24.89 -20.44
CA GLU B 222 -6.86 25.21 -21.85
C GLU B 222 -6.05 24.19 -22.63
N PRO B 223 -6.42 23.92 -23.89
CA PRO B 223 -5.60 23.03 -24.72
C PRO B 223 -4.22 23.63 -24.95
N LYS B 224 -3.26 22.75 -25.24
CA LYS B 224 -1.88 23.19 -25.44
C LYS B 224 -1.70 23.85 -26.79
C1 IPA C . 11.19 3.06 -22.61
C2 IPA C . 9.75 3.14 -23.10
C3 IPA C . 9.65 4.01 -24.35
O2 IPA C . 9.29 1.84 -23.40
C1 GOL D . -6.17 -10.02 -18.19
O1 GOL D . -7.11 -9.84 -19.19
C2 GOL D . -4.99 -10.83 -18.81
O2 GOL D . -3.79 -10.48 -18.23
C3 GOL D . -5.34 -12.33 -18.58
O3 GOL D . -6.52 -12.58 -19.27
C1 GOL E . -10.81 -18.63 8.32
O1 GOL E . -11.75 -18.47 7.30
C2 GOL E . -10.38 -17.21 8.79
O2 GOL E . -11.00 -16.21 8.08
C3 GOL E . -10.70 -17.14 10.30
O3 GOL E . -9.91 -16.08 10.81
C1 GOL F . 15.61 -16.06 -2.16
O1 GOL F . 15.40 -16.68 -0.92
C2 GOL F . 17.00 -15.38 -2.14
O2 GOL F . 17.11 -14.36 -3.09
C3 GOL F . 17.14 -14.81 -0.74
O3 GOL F . 16.60 -13.53 -0.82
C1 GOL G . 13.09 9.84 -9.46
O1 GOL G . 12.53 11.04 -9.02
C2 GOL G . 14.57 10.08 -9.79
O2 GOL G . 15.32 8.89 -9.75
C3 GOL G . 14.53 10.76 -11.21
O3 GOL G . 13.80 9.94 -12.06
C1 IPA H . -3.77 27.64 -9.04
C2 IPA H . -3.20 28.20 -7.75
C3 IPA H . -3.31 27.16 -6.64
O2 IPA H . -1.83 28.52 -7.94
C1 IPA I . -21.77 22.79 -21.12
C2 IPA I . -20.62 23.17 -20.18
C3 IPA I . -21.19 23.61 -18.84
O2 IPA I . -19.79 22.05 -19.99
C1 IPA J . -11.50 14.08 -1.04
C2 IPA J . -11.54 12.57 -1.32
C3 IPA J . -12.36 12.29 -2.57
O2 IPA J . -10.23 12.06 -1.48
C1 IPA K . 19.54 3.79 10.55
C2 IPA K . 18.19 3.08 10.49
C3 IPA K . 18.22 2.05 9.37
O2 IPA K . 17.90 2.47 11.72
C1 IPA L . -4.12 -12.73 32.30
C2 IPA L . -2.64 -13.10 32.28
C3 IPA L . -1.99 -12.72 33.60
O2 IPA L . -2.52 -14.50 32.08
C1 GOL M . -1.34 -22.08 16.57
O1 GOL M . -0.76 -21.36 17.61
C2 GOL M . -1.81 -23.46 17.12
O2 GOL M . -3.19 -23.51 17.28
C3 GOL M . -1.04 -23.69 18.46
O3 GOL M . -1.70 -24.70 19.15
C1 GOL N . 20.13 -1.87 18.79
O1 GOL N . 20.11 -1.59 17.43
C2 GOL N . 19.59 -0.63 19.53
O2 GOL N . 18.39 -0.19 19.02
C3 GOL N . 19.47 -1.06 21.01
O3 GOL N . 18.84 0.00 21.69
#